data_7ET4
#
_entry.id   7ET4
#
_cell.length_a   107.316
_cell.length_b   135.155
_cell.length_c   66.499
_cell.angle_alpha   90.000
_cell.angle_beta   90.000
_cell.angle_gamma   90.000
#
_symmetry.space_group_name_H-M   'P 21 21 2'
#
loop_
_entity.id
_entity.type
_entity.pdbx_description
1 polymer 'AP2/ERF and B3 domain-containing transcription repressor TEM1'
2 polymer 'DNA (12-mer)'
3 polymer 'DNA (12-mer)'
4 water water
#
loop_
_entity_poly.entity_id
_entity_poly.type
_entity_poly.pdbx_seq_one_letter_code
_entity_poly.pdbx_strand_id
1 'polypeptide(L)'
;SSSVVLDSENGVETESRKLPSSKYKGVVPQPNGRWGAQIYEKHQRVWLGTFNEEEEAASSYDIAVRRFRGRDAVTNFKSQ
VDGNDAESAFLDAHSKAEIVDMLRKHTYADEFEQSRRKFVNG
;
A,D,G,J
2 'polydeoxyribonucleotide' (DC)(DT)(DC)(DT)(DG)(DT)(DG)(DT)(DT)(DG)(DA)(DC) B,F,I,L
3 'polydeoxyribonucleotide' (DT)(DC)(DA)(DA)(DC)(DA)(DC)(DA)(DG)(DA)(DG)(DG) C,E,H,K
#
# COMPACT_ATOMS: atom_id res chain seq x y z
N ARG A 17 33.83 -55.70 -8.45
CA ARG A 17 34.92 -54.82 -8.93
C ARG A 17 34.66 -53.39 -8.43
N LYS A 18 33.42 -53.10 -8.00
CA LYS A 18 33.10 -51.81 -7.41
C LYS A 18 33.72 -51.70 -6.03
N LEU A 19 34.33 -50.56 -5.76
CA LEU A 19 35.12 -50.43 -4.55
C LEU A 19 34.22 -50.26 -3.32
N PRO A 20 34.67 -50.75 -2.15
CA PRO A 20 33.81 -50.69 -0.96
C PRO A 20 33.78 -49.30 -0.35
N SER A 21 32.60 -48.91 0.14
CA SER A 21 32.43 -47.62 0.78
C SER A 21 32.77 -47.70 2.27
N SER A 22 33.00 -46.54 2.86
CA SER A 22 33.45 -46.46 4.24
C SER A 22 32.31 -46.03 5.14
N LYS A 23 32.22 -46.67 6.31
CA LYS A 23 31.32 -46.19 7.34
C LYS A 23 31.60 -44.73 7.69
N TYR A 24 32.86 -44.32 7.62
CA TYR A 24 33.33 -43.09 8.25
C TYR A 24 33.30 -41.91 7.28
N LYS A 25 33.22 -40.71 7.85
CA LYS A 25 33.16 -39.50 7.04
C LYS A 25 34.53 -39.12 6.52
N GLY A 26 34.57 -38.62 5.29
CA GLY A 26 35.80 -38.18 4.67
C GLY A 26 36.72 -39.28 4.19
N VAL A 27 36.26 -40.53 4.18
CA VAL A 27 37.07 -41.68 3.81
C VAL A 27 36.54 -42.26 2.50
N VAL A 28 37.43 -42.53 1.56
CA VAL A 28 37.06 -43.09 0.26
C VAL A 28 37.89 -44.34 -0.01
N PRO A 29 37.41 -45.28 -0.82
CA PRO A 29 38.25 -46.43 -1.19
C PRO A 29 39.34 -46.04 -2.20
N GLN A 30 40.50 -46.63 -1.99
CA GLN A 30 41.58 -46.53 -2.98
C GLN A 30 41.46 -47.84 -3.75
N PRO A 31 41.75 -47.91 -5.08
CA PRO A 31 41.56 -49.15 -5.85
C PRO A 31 42.31 -50.39 -5.34
N ASN A 32 43.41 -50.22 -4.61
CA ASN A 32 44.26 -51.34 -4.15
C ASN A 32 43.83 -51.91 -2.79
N GLY A 33 42.65 -51.56 -2.30
CA GLY A 33 42.22 -52.02 -0.98
C GLY A 33 42.60 -51.02 0.11
N ARG A 34 43.39 -50.02 -0.25
CA ARG A 34 43.75 -49.00 0.72
C ARG A 34 42.68 -47.91 0.74
N TRP A 35 42.89 -46.89 1.57
CA TRP A 35 41.86 -45.90 1.85
C TRP A 35 42.44 -44.49 1.74
N GLY A 36 41.63 -43.57 1.24
CA GLY A 36 42.05 -42.17 1.17
C GLY A 36 41.18 -41.28 2.04
N ALA A 37 41.70 -40.11 2.41
CA ALA A 37 40.98 -39.17 3.26
C ALA A 37 40.89 -37.80 2.59
N GLN A 38 39.78 -37.11 2.83
CA GLN A 38 39.53 -35.82 2.17
C GLN A 38 38.62 -34.98 3.05
N ILE A 39 38.93 -33.69 3.16
CA ILE A 39 38.08 -32.70 3.80
C ILE A 39 37.69 -31.66 2.76
N TYR A 40 36.46 -31.17 2.84
CA TYR A 40 35.96 -30.18 1.90
C TYR A 40 35.98 -28.80 2.56
N GLU A 41 36.53 -27.83 1.87
CA GLU A 41 36.65 -26.45 2.35
C GLU A 41 36.19 -25.54 1.21
N LYS A 42 35.05 -24.87 1.42
CA LYS A 42 34.36 -24.13 0.37
C LYS A 42 34.00 -25.08 -0.77
N HIS A 43 34.49 -24.81 -1.97
CA HIS A 43 34.22 -25.68 -3.11
C HIS A 43 35.33 -26.68 -3.36
N GLN A 44 36.35 -26.73 -2.53
CA GLN A 44 37.59 -27.44 -2.85
C GLN A 44 37.79 -28.64 -1.92
N ARG A 45 38.08 -29.79 -2.52
CA ARG A 45 38.45 -30.98 -1.78
C ARG A 45 39.93 -30.90 -1.40
N VAL A 46 40.22 -31.09 -0.11
CA VAL A 46 41.60 -31.10 0.38
C VAL A 46 41.95 -32.55 0.69
N TRP A 47 42.84 -33.13 -0.11
CA TRP A 47 43.27 -34.50 0.11
C TRP A 47 44.11 -34.57 1.38
N LEU A 48 43.88 -35.60 2.18
CA LEU A 48 44.57 -35.78 3.45
C LEU A 48 45.50 -36.98 3.45
N GLY A 49 45.55 -37.74 2.36
CA GLY A 49 46.49 -38.82 2.20
C GLY A 49 45.81 -40.15 1.91
N THR A 50 46.64 -41.17 1.77
CA THR A 50 46.22 -42.56 1.67
C THR A 50 46.86 -43.38 2.78
N PHE A 51 46.20 -44.47 3.12
CA PHE A 51 46.43 -45.21 4.36
C PHE A 51 46.06 -46.66 4.14
N ASN A 52 46.76 -47.56 4.83
CA ASN A 52 46.43 -48.98 4.73
C ASN A 52 45.14 -49.33 5.45
N GLU A 53 44.86 -48.66 6.57
CA GLU A 53 43.73 -49.00 7.42
C GLU A 53 42.64 -47.94 7.32
N GLU A 54 41.39 -48.39 7.20
CA GLU A 54 40.25 -47.49 7.13
C GLU A 54 40.18 -46.59 8.36
N GLU A 55 40.40 -47.18 9.54
CA GLU A 55 40.36 -46.41 10.79
C GLU A 55 41.39 -45.28 10.78
N GLU A 56 42.53 -45.50 10.14
CA GLU A 56 43.56 -44.46 10.10
C GLU A 56 43.12 -43.27 9.24
N ALA A 57 42.52 -43.55 8.08
CA ALA A 57 41.92 -42.47 7.29
C ALA A 57 40.88 -41.71 8.11
N ALA A 58 40.07 -42.44 8.87
CA ALA A 58 39.04 -41.79 9.68
C ALA A 58 39.67 -40.85 10.71
N SER A 59 40.71 -41.31 11.40
CA SER A 59 41.38 -40.48 12.40
C SER A 59 42.00 -39.24 11.77
N SER A 60 42.62 -39.41 10.59
CA SER A 60 43.18 -38.25 9.89
C SER A 60 42.10 -37.23 9.58
N TYR A 61 40.94 -37.70 9.12
CA TYR A 61 39.83 -36.77 8.87
C TYR A 61 39.42 -36.04 10.13
N ASP A 62 39.35 -36.77 11.25
CA ASP A 62 38.98 -36.14 12.52
C ASP A 62 39.93 -35.00 12.89
N ILE A 63 41.24 -35.26 12.80
CA ILE A 63 42.22 -34.21 13.09
C ILE A 63 42.00 -33.01 12.19
N ALA A 64 41.84 -33.27 10.89
CA ALA A 64 41.69 -32.18 9.93
C ALA A 64 40.44 -31.34 10.22
N VAL A 65 39.35 -31.99 10.60
CA VAL A 65 38.10 -31.26 10.80
C VAL A 65 38.12 -30.50 12.12
N ARG A 66 38.84 -31.01 13.12
CA ARG A 66 39.03 -30.22 14.34
C ARG A 66 39.86 -28.98 14.06
N ARG A 67 40.85 -29.08 13.16
CA ARG A 67 41.65 -27.89 12.86
C ARG A 67 40.94 -26.92 11.93
N PHE A 68 40.12 -27.42 10.99
CA PHE A 68 39.45 -26.57 10.03
C PHE A 68 38.16 -25.96 10.58
N ARG A 69 37.49 -26.65 11.50
CA ARG A 69 36.13 -26.29 11.90
C ARG A 69 35.92 -26.16 13.41
N GLY A 70 36.90 -26.50 14.24
CA GLY A 70 36.84 -26.19 15.66
C GLY A 70 36.51 -27.38 16.52
N ARG A 71 36.44 -27.11 17.82
CA ARG A 71 36.30 -28.14 18.84
C ARG A 71 34.91 -28.76 18.91
N ASP A 72 33.90 -28.12 18.31
CA ASP A 72 32.52 -28.60 18.41
C ASP A 72 32.06 -29.28 17.12
N ALA A 73 32.99 -29.72 16.29
CA ALA A 73 32.68 -30.29 14.99
C ALA A 73 32.49 -31.81 15.08
N VAL A 74 31.84 -32.36 14.07
CA VAL A 74 31.42 -33.77 14.10
C VAL A 74 32.54 -34.64 13.57
N THR A 75 32.95 -35.62 14.37
CA THR A 75 34.09 -36.47 14.10
C THR A 75 33.64 -37.91 13.92
N ASN A 76 34.55 -38.74 13.42
CA ASN A 76 34.28 -40.18 13.35
C ASN A 76 34.48 -40.83 14.70
N PHE A 77 35.46 -40.38 15.48
CA PHE A 77 35.82 -41.03 16.73
C PHE A 77 35.91 -40.10 17.94
N LYS A 78 35.75 -38.80 17.78
CA LYS A 78 36.12 -37.85 18.84
C LYS A 78 34.90 -37.32 19.58
N SER A 79 35.18 -36.70 20.73
CA SER A 79 34.19 -36.59 21.80
C SER A 79 33.16 -35.51 21.54
N GLN A 80 33.62 -34.33 21.10
CA GLN A 80 32.91 -33.05 21.05
C GLN A 80 32.91 -32.36 22.42
N VAL A 81 33.31 -33.04 23.49
CA VAL A 81 33.16 -32.50 24.85
C VAL A 81 34.48 -32.03 25.43
N ASP A 82 35.58 -32.06 24.67
CA ASP A 82 36.84 -31.51 25.16
C ASP A 82 37.12 -30.22 24.40
N GLY A 83 36.92 -29.08 25.06
CA GLY A 83 37.10 -27.78 24.44
C GLY A 83 38.53 -27.30 24.42
N ASN A 84 39.27 -27.47 25.51
CA ASN A 84 40.64 -26.88 25.57
C ASN A 84 41.64 -27.92 26.09
N ASP A 85 42.33 -28.60 25.17
CA ASP A 85 43.35 -29.59 25.57
C ASP A 85 44.64 -29.39 24.79
N ALA A 86 45.57 -30.32 24.92
CA ALA A 86 46.88 -30.17 24.26
C ALA A 86 46.69 -30.35 22.77
N GLU A 87 45.68 -31.11 22.36
CA GLU A 87 45.45 -31.22 20.92
C GLU A 87 44.99 -29.89 20.34
N SER A 88 44.11 -29.19 21.04
CA SER A 88 43.68 -27.86 20.56
C SER A 88 44.86 -26.90 20.54
N ALA A 89 45.76 -27.02 21.51
CA ALA A 89 46.97 -26.20 21.51
C ALA A 89 47.81 -26.49 20.27
N PHE A 90 48.13 -27.77 20.03
CA PHE A 90 48.98 -28.13 18.92
C PHE A 90 48.35 -27.76 17.58
N LEU A 91 47.04 -27.94 17.44
CA LEU A 91 46.37 -27.58 16.18
C LEU A 91 46.34 -26.08 15.98
N ASP A 92 46.11 -25.31 17.05
CA ASP A 92 46.03 -23.87 16.90
C ASP A 92 47.41 -23.26 16.65
N ALA A 93 48.47 -23.89 17.16
CA ALA A 93 49.83 -23.42 16.95
C ALA A 93 50.39 -23.78 15.58
N HIS A 94 49.55 -24.23 14.66
CA HIS A 94 50.01 -24.63 13.34
C HIS A 94 49.00 -24.18 12.28
N SER A 95 49.50 -23.86 11.10
CA SER A 95 48.64 -23.50 9.99
C SER A 95 47.82 -24.72 9.53
N LYS A 96 46.74 -24.44 8.81
CA LYS A 96 45.97 -25.53 8.19
C LYS A 96 46.84 -26.35 7.26
N ALA A 97 47.68 -25.67 6.47
CA ALA A 97 48.57 -26.37 5.54
C ALA A 97 49.51 -27.31 6.27
N GLU A 98 50.04 -26.88 7.42
CA GLU A 98 50.99 -27.72 8.14
C GLU A 98 50.33 -28.98 8.70
N ILE A 99 49.09 -28.87 9.18
CA ILE A 99 48.37 -30.05 9.66
C ILE A 99 48.05 -30.99 8.51
N VAL A 100 47.63 -30.42 7.37
CA VAL A 100 47.36 -31.27 6.21
C VAL A 100 48.61 -32.02 5.78
N ASP A 101 49.75 -31.33 5.78
CA ASP A 101 51.01 -31.97 5.39
C ASP A 101 51.42 -33.04 6.38
N MET A 102 51.21 -32.79 7.68
CA MET A 102 51.49 -33.81 8.69
C MET A 102 50.66 -35.06 8.45
N LEU A 103 49.37 -34.88 8.16
CA LEU A 103 48.52 -36.04 7.92
C LEU A 103 48.95 -36.79 6.67
N ARG A 104 49.22 -36.06 5.59
CA ARG A 104 49.62 -36.71 4.34
C ARG A 104 50.95 -37.44 4.50
N LYS A 105 51.84 -36.93 5.34
CA LYS A 105 53.16 -37.51 5.55
C LYS A 105 53.19 -38.51 6.71
N HIS A 106 52.07 -38.75 7.37
CA HIS A 106 51.99 -39.69 8.50
C HIS A 106 52.91 -39.29 9.64
N THR A 107 53.06 -37.99 9.87
CA THR A 107 53.97 -37.50 10.91
C THR A 107 53.27 -36.80 12.06
N TYR A 108 51.94 -36.79 12.09
CA TYR A 108 51.22 -35.97 13.08
C TYR A 108 51.55 -36.41 14.51
N ALA A 109 51.48 -37.71 14.79
CA ALA A 109 51.73 -38.20 16.14
C ALA A 109 53.13 -37.84 16.61
N ASP A 110 54.14 -38.01 15.74
CA ASP A 110 55.51 -37.69 16.12
C ASP A 110 55.68 -36.21 16.43
N GLU A 111 55.10 -35.35 15.59
CA GLU A 111 55.20 -33.91 15.82
C GLU A 111 54.51 -33.52 17.12
N PHE A 112 53.35 -34.11 17.41
CA PHE A 112 52.66 -33.82 18.65
C PHE A 112 53.49 -34.24 19.86
N GLU A 113 54.13 -35.42 19.78
CA GLU A 113 54.99 -35.88 20.86
C GLU A 113 56.13 -34.90 21.11
N GLN A 114 56.89 -34.57 20.05
CA GLN A 114 58.00 -33.65 20.22
C GLN A 114 57.53 -32.27 20.67
N SER A 115 56.31 -31.88 20.29
CA SER A 115 55.77 -30.61 20.75
C SER A 115 55.56 -30.61 22.25
N ARG A 116 54.81 -31.58 22.77
CA ARG A 116 54.59 -31.60 24.20
C ARG A 116 55.78 -32.15 24.97
N ARG A 117 56.96 -32.21 24.36
CA ARG A 117 58.19 -32.57 25.13
C ARG A 117 58.49 -31.31 25.95
N LYS A 118 57.99 -30.15 25.51
CA LYS A 118 58.04 -28.87 26.22
C LYS A 118 58.03 -28.99 27.75
N LYS D 18 -29.64 2.89 10.20
CA LYS D 18 -29.70 3.84 9.11
C LYS D 18 -28.61 4.91 9.29
N LEU D 19 -27.92 5.27 8.17
CA LEU D 19 -26.79 6.18 8.22
C LEU D 19 -27.26 7.63 8.12
N PRO D 20 -26.55 8.56 8.76
CA PRO D 20 -27.00 9.95 8.80
C PRO D 20 -26.91 10.64 7.44
N SER D 21 -27.99 11.30 7.06
CA SER D 21 -28.02 12.05 5.81
C SER D 21 -27.26 13.37 5.94
N SER D 22 -26.89 13.94 4.80
CA SER D 22 -26.02 15.10 4.77
C SER D 22 -26.79 16.37 4.43
N LYS D 23 -26.45 17.47 5.10
CA LYS D 23 -26.97 18.78 4.71
C LYS D 23 -26.64 19.09 3.26
N TYR D 24 -25.44 18.71 2.82
CA TYR D 24 -24.83 19.24 1.62
C TYR D 24 -25.18 18.40 0.39
N LYS D 25 -25.03 19.04 -0.78
CA LYS D 25 -25.28 18.38 -2.05
C LYS D 25 -24.08 17.53 -2.44
N GLY D 26 -24.37 16.34 -2.99
CA GLY D 26 -23.32 15.45 -3.45
C GLY D 26 -22.53 14.75 -2.36
N VAL D 27 -22.99 14.80 -1.11
CA VAL D 27 -22.32 14.18 0.02
C VAL D 27 -23.19 13.06 0.56
N VAL D 28 -22.61 11.88 0.73
CA VAL D 28 -23.35 10.71 1.20
C VAL D 28 -22.68 10.14 2.45
N PRO D 29 -23.43 9.51 3.35
CA PRO D 29 -22.80 8.88 4.52
C PRO D 29 -22.04 7.62 4.17
N GLN D 30 -20.91 7.43 4.82
CA GLN D 30 -20.14 6.19 4.68
C GLN D 30 -20.39 5.41 5.96
N PRO D 31 -20.35 4.07 5.94
CA PRO D 31 -20.68 3.28 7.13
C PRO D 31 -19.77 3.52 8.34
N ASN D 32 -18.48 3.71 8.13
CA ASN D 32 -17.49 3.91 9.20
C ASN D 32 -17.67 5.24 9.94
N GLY D 33 -18.47 6.15 9.42
CA GLY D 33 -18.65 7.46 10.05
C GLY D 33 -18.02 8.52 9.19
N ARG D 34 -17.44 8.09 8.08
CA ARG D 34 -16.82 9.05 7.18
C ARG D 34 -17.85 9.48 6.13
N TRP D 35 -17.41 10.20 5.10
CA TRP D 35 -18.34 10.82 4.16
C TRP D 35 -17.83 10.73 2.73
N GLY D 36 -18.69 10.27 1.82
CA GLY D 36 -18.33 10.21 0.41
C GLY D 36 -18.88 11.40 -0.37
N ALA D 37 -18.25 11.65 -1.52
CA ALA D 37 -18.66 12.75 -2.39
C ALA D 37 -18.80 12.26 -3.83
N GLN D 38 -19.76 12.83 -4.55
CA GLN D 38 -20.14 12.32 -5.86
C GLN D 38 -20.81 13.42 -6.68
N ILE D 39 -20.44 13.52 -7.95
CA ILE D 39 -21.12 14.39 -8.90
C ILE D 39 -21.73 13.51 -10.00
N TYR D 40 -22.84 13.96 -10.54
CA TYR D 40 -23.54 13.25 -11.61
C TYR D 40 -23.38 14.01 -12.92
N GLU D 41 -22.91 13.31 -13.95
CA GLU D 41 -22.80 13.89 -15.29
C GLU D 41 -23.07 12.78 -16.30
N LYS D 42 -24.05 13.00 -17.18
CA LYS D 42 -24.35 12.09 -18.30
C LYS D 42 -24.76 10.70 -17.81
N HIS D 43 -25.78 10.66 -16.94
CA HIS D 43 -26.37 9.45 -16.38
C HIS D 43 -25.41 8.67 -15.48
N GLN D 44 -24.26 9.24 -15.15
CA GLN D 44 -23.20 8.51 -14.49
C GLN D 44 -22.84 9.17 -13.16
N ARG D 45 -22.76 8.36 -12.10
CA ARG D 45 -22.26 8.84 -10.82
C ARG D 45 -20.74 8.78 -10.82
N VAL D 46 -20.10 9.94 -10.65
CA VAL D 46 -18.65 10.04 -10.63
C VAL D 46 -18.20 10.21 -9.18
N TRP D 47 -17.47 9.21 -8.67
CA TRP D 47 -17.06 9.22 -7.28
C TRP D 47 -15.90 10.19 -7.10
N LEU D 48 -16.00 11.04 -6.08
CA LEU D 48 -14.96 12.02 -5.76
C LEU D 48 -14.13 11.62 -4.56
N GLY D 49 -14.49 10.56 -3.87
CA GLY D 49 -13.70 10.01 -2.78
C GLY D 49 -14.47 9.97 -1.48
N THR D 50 -13.75 9.53 -0.45
CA THR D 50 -14.24 9.50 0.93
C THR D 50 -13.30 10.33 1.79
N PHE D 51 -13.89 11.04 2.76
CA PHE D 51 -13.19 12.03 3.54
C PHE D 51 -13.64 11.91 4.99
N ASN D 52 -12.75 12.27 5.91
CA ASN D 52 -13.07 12.18 7.33
C ASN D 52 -14.22 13.10 7.70
N GLU D 53 -14.27 14.29 7.11
CA GLU D 53 -15.15 15.36 7.53
C GLU D 53 -16.22 15.63 6.47
N GLU D 54 -17.44 15.86 6.95
CA GLU D 54 -18.55 16.19 6.05
C GLU D 54 -18.24 17.45 5.24
N GLU D 55 -17.66 18.45 5.88
CA GLU D 55 -17.27 19.67 5.18
C GLU D 55 -16.24 19.39 4.11
N GLU D 56 -15.36 18.42 4.34
CA GLU D 56 -14.37 18.07 3.32
C GLU D 56 -15.04 17.50 2.07
N ALA D 57 -16.03 16.63 2.26
CA ALA D 57 -16.76 16.07 1.12
C ALA D 57 -17.54 17.16 0.40
N ALA D 58 -18.14 18.09 1.15
CA ALA D 58 -18.84 19.20 0.51
C ALA D 58 -17.88 20.04 -0.33
N SER D 59 -16.70 20.33 0.22
CA SER D 59 -15.70 21.10 -0.52
C SER D 59 -15.27 20.36 -1.78
N SER D 60 -15.07 19.05 -1.68
CA SER D 60 -14.68 18.27 -2.86
C SER D 60 -15.76 18.34 -3.94
N TYR D 61 -17.02 18.22 -3.53
CA TYR D 61 -18.12 18.36 -4.47
C TYR D 61 -18.06 19.71 -5.16
N ASP D 62 -17.85 20.78 -4.38
CA ASP D 62 -17.84 22.12 -4.97
C ASP D 62 -16.72 22.27 -5.99
N ILE D 63 -15.53 21.73 -5.67
CA ILE D 63 -14.41 21.80 -6.62
C ILE D 63 -14.78 21.09 -7.92
N ALA D 64 -15.31 19.87 -7.80
CA ALA D 64 -15.72 19.12 -8.97
C ALA D 64 -16.77 19.89 -9.78
N VAL D 65 -17.73 20.50 -9.09
CA VAL D 65 -18.85 21.13 -9.80
C VAL D 65 -18.39 22.41 -10.50
N ARG D 66 -17.41 23.10 -9.92
CA ARG D 66 -16.85 24.27 -10.59
C ARG D 66 -16.06 23.85 -11.82
N ARG D 67 -15.34 22.73 -11.74
CA ARG D 67 -14.60 22.29 -12.92
C ARG D 67 -15.53 21.76 -14.02
N PHE D 68 -16.62 21.10 -13.63
CA PHE D 68 -17.50 20.41 -14.57
C PHE D 68 -18.54 21.34 -15.20
N ARG D 69 -19.03 22.33 -14.44
CA ARG D 69 -20.17 23.12 -14.87
C ARG D 69 -19.90 24.61 -14.93
N GLY D 70 -18.72 25.06 -14.49
CA GLY D 70 -18.38 26.46 -14.61
C GLY D 70 -18.77 27.27 -13.38
N ARG D 71 -18.85 28.58 -13.60
CA ARG D 71 -18.96 29.53 -12.50
C ARG D 71 -20.37 29.69 -11.95
N ASP D 72 -21.40 29.36 -12.74
CA ASP D 72 -22.78 29.66 -12.36
C ASP D 72 -23.54 28.42 -11.92
N ALA D 73 -22.85 27.37 -11.50
CA ALA D 73 -23.50 26.15 -11.03
C ALA D 73 -23.75 26.23 -9.53
N VAL D 74 -24.72 25.43 -9.07
CA VAL D 74 -25.02 25.37 -7.66
C VAL D 74 -23.83 24.79 -6.90
N THR D 75 -23.62 25.29 -5.68
CA THR D 75 -22.45 24.96 -4.89
C THR D 75 -22.83 24.96 -3.41
N ASN D 76 -22.13 24.12 -2.64
CA ASN D 76 -22.41 24.05 -1.20
C ASN D 76 -21.97 25.32 -0.49
N PHE D 77 -20.86 25.90 -0.91
CA PHE D 77 -20.33 27.14 -0.36
C PHE D 77 -20.08 28.12 -1.50
N LYS D 78 -20.56 29.35 -1.33
CA LYS D 78 -20.26 30.41 -2.27
C LYS D 78 -19.60 31.57 -1.54
N SER D 79 -18.53 32.10 -2.13
CA SER D 79 -17.85 33.25 -1.56
C SER D 79 -18.71 34.49 -1.68
N GLN D 80 -18.72 35.29 -0.61
CA GLN D 80 -19.44 36.57 -0.60
C GLN D 80 -18.36 37.64 -0.69
N VAL D 81 -17.20 37.26 -1.19
CA VAL D 81 -16.07 38.21 -1.40
C VAL D 81 -15.58 38.32 -2.85
N ASP D 82 -15.05 37.23 -3.40
CA ASP D 82 -14.48 37.24 -4.78
C ASP D 82 -14.05 35.83 -5.14
N GLY D 83 -13.86 35.54 -6.41
CA GLY D 83 -13.38 34.24 -6.88
C GLY D 83 -11.94 33.93 -6.55
N ASN D 84 -11.62 32.65 -6.43
CA ASN D 84 -10.24 32.20 -6.16
C ASN D 84 -9.53 32.15 -7.50
N ASP D 85 -8.60 33.05 -7.71
CA ASP D 85 -7.94 33.17 -9.02
C ASP D 85 -6.94 32.04 -9.17
N ALA D 86 -6.32 31.62 -8.08
CA ALA D 86 -5.38 30.51 -8.12
C ALA D 86 -6.11 29.19 -8.37
N GLU D 87 -7.26 28.99 -7.70
CA GLU D 87 -8.07 27.81 -7.95
C GLU D 87 -8.60 27.79 -9.38
N SER D 88 -9.00 28.96 -9.90
CA SER D 88 -9.41 29.03 -11.30
C SER D 88 -8.29 28.54 -12.22
N ALA D 89 -7.09 29.07 -12.04
CA ALA D 89 -5.95 28.66 -12.86
C ALA D 89 -5.70 27.16 -12.73
N PHE D 90 -5.71 26.64 -11.50
CA PHE D 90 -5.47 25.22 -11.28
C PHE D 90 -6.48 24.37 -12.02
N LEU D 91 -7.77 24.70 -11.89
CA LEU D 91 -8.82 23.88 -12.50
C LEU D 91 -8.77 23.95 -14.01
N ASP D 92 -8.52 25.13 -14.57
CA ASP D 92 -8.44 25.25 -16.02
C ASP D 92 -7.23 24.52 -16.59
N ALA D 93 -6.16 24.43 -15.81
CA ALA D 93 -4.93 23.77 -16.26
C ALA D 93 -5.05 22.25 -16.28
N HIS D 94 -6.17 21.69 -15.87
CA HIS D 94 -6.33 20.24 -15.77
C HIS D 94 -7.61 19.81 -16.44
N SER D 95 -7.68 18.53 -16.79
CA SER D 95 -8.88 17.94 -17.33
C SER D 95 -9.86 17.60 -16.21
N LYS D 96 -11.12 17.37 -16.58
CA LYS D 96 -12.10 16.91 -15.60
C LYS D 96 -11.66 15.61 -14.95
N ALA D 97 -11.14 14.68 -15.77
CA ALA D 97 -10.69 13.38 -15.25
C ALA D 97 -9.58 13.56 -14.23
N GLU D 98 -8.64 14.48 -14.48
CA GLU D 98 -7.55 14.68 -13.55
C GLU D 98 -8.01 15.32 -12.25
N ILE D 99 -8.98 16.23 -12.32
CA ILE D 99 -9.52 16.80 -11.09
C ILE D 99 -10.21 15.73 -10.26
N VAL D 100 -10.99 14.86 -10.91
CA VAL D 100 -11.64 13.76 -10.20
C VAL D 100 -10.58 12.83 -9.58
N ASP D 101 -9.53 12.53 -10.34
CA ASP D 101 -8.47 11.65 -9.85
C ASP D 101 -7.75 12.26 -8.66
N MET D 102 -7.47 13.56 -8.72
CA MET D 102 -6.80 14.25 -7.61
C MET D 102 -7.68 14.23 -6.36
N LEU D 103 -8.99 14.45 -6.53
CA LEU D 103 -9.89 14.44 -5.38
C LEU D 103 -9.98 13.05 -4.76
N ARG D 104 -10.23 12.04 -5.61
CA ARG D 104 -10.39 10.67 -5.14
C ARG D 104 -9.17 10.20 -4.35
N LYS D 105 -7.98 10.50 -4.85
CA LYS D 105 -6.74 9.98 -4.29
C LYS D 105 -6.14 10.88 -3.23
N HIS D 106 -6.81 11.98 -2.87
CA HIS D 106 -6.36 12.88 -1.81
C HIS D 106 -5.01 13.51 -2.14
N THR D 107 -4.81 13.87 -3.41
CA THR D 107 -3.66 14.65 -3.82
C THR D 107 -4.00 16.07 -4.21
N TYR D 108 -5.30 16.42 -4.22
CA TYR D 108 -5.69 17.75 -4.69
C TYR D 108 -5.12 18.84 -3.80
N ALA D 109 -5.19 18.65 -2.48
CA ALA D 109 -4.74 19.69 -1.57
C ALA D 109 -3.29 20.10 -1.84
N ASP D 110 -2.41 19.11 -1.97
CA ASP D 110 -0.98 19.38 -2.11
C ASP D 110 -0.64 19.94 -3.49
N GLU D 111 -1.26 19.41 -4.54
CA GLU D 111 -1.00 19.93 -5.88
C GLU D 111 -1.53 21.34 -6.04
N PHE D 112 -2.72 21.61 -5.51
CA PHE D 112 -3.23 22.97 -5.50
C PHE D 112 -2.34 23.89 -4.67
N GLU D 113 -1.77 23.38 -3.58
CA GLU D 113 -0.89 24.22 -2.77
C GLU D 113 0.37 24.61 -3.53
N GLN D 114 0.96 23.67 -4.26
CA GLN D 114 2.16 24.01 -5.03
C GLN D 114 1.82 24.98 -6.17
N SER D 115 0.74 24.70 -6.90
CA SER D 115 0.29 25.62 -7.93
C SER D 115 0.00 27.01 -7.35
N ARG D 116 -0.55 27.05 -6.13
CA ARG D 116 -0.92 28.31 -5.52
C ARG D 116 0.30 29.11 -5.10
N ARG D 117 1.30 28.44 -4.51
CA ARG D 117 2.52 29.12 -4.13
C ARG D 117 3.20 29.72 -5.35
N LYS D 118 3.27 28.96 -6.46
CA LYS D 118 3.90 29.53 -7.64
C LYS D 118 3.02 30.60 -8.28
N PHE D 119 1.70 30.51 -8.14
CA PHE D 119 0.81 31.49 -8.75
C PHE D 119 0.93 32.85 -8.08
N VAL D 120 1.07 32.87 -6.75
CA VAL D 120 1.21 34.13 -6.02
C VAL D 120 2.67 34.51 -5.81
N ASN D 121 3.61 33.72 -6.30
CA ASN D 121 5.05 33.99 -6.17
C ASN D 121 5.46 34.32 -4.74
N LYS G 18 4.35 -29.95 -2.98
CA LYS G 18 4.59 -31.33 -2.61
C LYS G 18 4.78 -31.48 -1.10
N LEU G 19 5.51 -30.54 -0.51
CA LEU G 19 5.84 -30.62 0.91
C LEU G 19 4.68 -30.14 1.75
N PRO G 20 4.22 -30.94 2.73
CA PRO G 20 3.07 -30.51 3.54
C PRO G 20 3.47 -29.42 4.52
N SER G 21 2.59 -28.44 4.66
CA SER G 21 2.90 -27.28 5.48
C SER G 21 2.84 -27.64 6.96
N SER G 22 3.15 -26.65 7.80
CA SER G 22 3.28 -26.85 9.23
C SER G 22 2.28 -25.98 9.98
N LYS G 23 1.62 -26.60 10.98
CA LYS G 23 0.67 -25.89 11.82
C LYS G 23 1.33 -24.75 12.57
N TYR G 24 2.58 -24.92 13.00
CA TYR G 24 3.27 -23.92 13.81
C TYR G 24 3.68 -22.73 12.94
N LYS G 25 3.99 -21.61 13.60
CA LYS G 25 4.21 -20.36 12.91
C LYS G 25 5.70 -20.09 12.73
N GLY G 26 6.07 -19.62 11.54
CA GLY G 26 7.44 -19.30 11.21
C GLY G 26 8.27 -20.46 10.71
N VAL G 27 7.72 -21.67 10.67
CA VAL G 27 8.47 -22.86 10.30
C VAL G 27 8.08 -23.27 8.88
N VAL G 28 9.11 -23.62 8.09
CA VAL G 28 8.95 -23.95 6.69
C VAL G 28 9.37 -25.41 6.51
N PRO G 29 8.59 -26.23 5.83
CA PRO G 29 9.07 -27.58 5.50
C PRO G 29 10.20 -27.49 4.48
N GLN G 30 11.21 -28.32 4.68
CA GLN G 30 12.31 -28.43 3.75
C GLN G 30 12.45 -29.88 3.30
N PRO G 31 13.05 -30.12 2.13
CA PRO G 31 13.18 -31.50 1.64
C PRO G 31 14.03 -32.35 2.57
N ASN G 32 13.78 -33.66 2.50
CA ASN G 32 14.60 -34.68 3.18
C ASN G 32 14.55 -34.53 4.70
N GLY G 33 13.36 -34.28 5.24
CA GLY G 33 13.15 -34.34 6.66
C GLY G 33 13.69 -33.19 7.48
N ARG G 34 14.10 -32.09 6.84
CA ARG G 34 14.57 -30.92 7.55
C ARG G 34 13.46 -29.86 7.63
N TRP G 35 13.67 -28.87 8.50
CA TRP G 35 12.66 -27.85 8.76
C TRP G 35 13.37 -26.51 9.00
N GLY G 36 13.02 -25.49 8.22
CA GLY G 36 13.55 -24.16 8.44
C GLY G 36 12.66 -23.31 9.33
N ALA G 37 13.21 -22.18 9.77
CA ALA G 37 12.45 -21.21 10.54
C ALA G 37 12.76 -19.81 10.06
N GLN G 38 11.78 -18.92 10.13
CA GLN G 38 11.94 -17.58 9.58
C GLN G 38 11.07 -16.58 10.32
N ILE G 39 11.61 -15.37 10.50
CA ILE G 39 10.88 -14.22 11.01
C ILE G 39 10.95 -13.13 9.93
N TYR G 40 9.91 -12.30 9.88
CA TYR G 40 9.81 -11.22 8.92
C TYR G 40 9.84 -9.88 9.65
N GLU G 41 10.83 -9.04 9.32
CA GLU G 41 11.00 -7.79 10.02
C GLU G 41 11.55 -6.74 9.05
N LYS G 42 10.99 -5.54 9.10
CA LYS G 42 11.28 -4.48 8.13
C LYS G 42 10.99 -4.94 6.70
N HIS G 43 9.96 -5.79 6.57
CA HIS G 43 9.51 -6.28 5.24
C HIS G 43 10.55 -7.20 4.59
N GLN G 44 11.40 -7.83 5.39
CA GLN G 44 12.42 -8.74 4.88
C GLN G 44 12.39 -10.04 5.68
N ARG G 45 12.78 -11.12 5.02
CA ARG G 45 12.81 -12.44 5.65
C ARG G 45 14.14 -12.63 6.37
N VAL G 46 14.08 -13.11 7.60
CA VAL G 46 15.26 -13.36 8.42
C VAL G 46 15.32 -14.85 8.71
N TRP G 47 16.16 -15.57 7.98
CA TRP G 47 16.30 -17.00 8.14
C TRP G 47 16.87 -17.32 9.52
N LEU G 48 16.15 -18.13 10.29
CA LEU G 48 16.60 -18.54 11.60
C LEU G 48 17.33 -19.88 11.60
N GLY G 49 17.35 -20.58 10.47
CA GLY G 49 18.13 -21.78 10.31
C GLY G 49 17.27 -22.99 10.00
N THR G 50 17.93 -24.14 9.91
CA THR G 50 17.28 -25.42 9.69
C THR G 50 17.53 -26.33 10.89
N PHE G 51 16.62 -27.29 11.06
CA PHE G 51 16.55 -28.14 12.24
C PHE G 51 15.99 -29.49 11.81
N ASN G 52 16.29 -30.53 12.60
CA ASN G 52 15.87 -31.86 12.22
C ASN G 52 14.39 -32.09 12.50
N GLU G 53 13.84 -31.38 13.47
CA GLU G 53 12.48 -31.61 13.92
C GLU G 53 11.67 -30.32 13.91
N GLU G 54 10.39 -30.44 13.54
CA GLU G 54 9.53 -29.29 13.32
C GLU G 54 9.35 -28.46 14.60
N GLU G 55 9.21 -29.13 15.74
CA GLU G 55 9.02 -28.42 17.00
C GLU G 55 10.24 -27.58 17.38
N GLU G 56 11.44 -28.02 16.99
CA GLU G 56 12.63 -27.23 17.25
C GLU G 56 12.61 -25.92 16.47
N ALA G 57 12.20 -25.98 15.20
CA ALA G 57 12.04 -24.76 14.40
C ALA G 57 10.99 -23.84 15.03
N ALA G 58 9.89 -24.42 15.51
CA ALA G 58 8.87 -23.60 16.16
C ALA G 58 9.42 -22.90 17.40
N SER G 59 10.22 -23.60 18.20
CA SER G 59 10.82 -23.00 19.39
C SER G 59 11.76 -21.86 19.00
N SER G 60 12.56 -22.06 17.95
CA SER G 60 13.43 -21.00 17.48
C SER G 60 12.63 -19.77 17.08
N TYR G 61 11.53 -19.96 16.34
CA TYR G 61 10.68 -18.83 15.99
C TYR G 61 10.12 -18.16 17.23
N ASP G 62 9.82 -18.94 18.27
CA ASP G 62 9.32 -18.35 19.52
C ASP G 62 10.35 -17.39 20.10
N ILE G 63 11.59 -17.84 20.25
CA ILE G 63 12.64 -16.98 20.79
C ILE G 63 12.79 -15.74 19.90
N ALA G 64 12.67 -15.92 18.59
CA ALA G 64 12.85 -14.80 17.67
C ALA G 64 11.77 -13.75 17.83
N VAL G 65 10.50 -14.17 17.93
CA VAL G 65 9.45 -13.16 18.08
C VAL G 65 9.54 -12.51 19.45
N ARG G 66 9.95 -13.24 20.48
CA ARG G 66 10.12 -12.61 21.79
C ARG G 66 11.21 -11.55 21.74
N ARG G 67 12.28 -11.79 20.98
CA ARG G 67 13.33 -10.77 20.85
C ARG G 67 12.85 -9.59 20.01
N PHE G 68 12.24 -9.88 18.86
CA PHE G 68 11.96 -8.83 17.87
C PHE G 68 10.73 -8.01 18.21
N ARG G 69 9.73 -8.59 18.88
CA ARG G 69 8.45 -7.93 19.09
C ARG G 69 7.99 -7.94 20.54
N GLY G 70 8.76 -8.53 21.46
CA GLY G 70 8.39 -8.56 22.86
C GLY G 70 7.39 -9.65 23.18
N ARG G 71 6.93 -9.64 24.44
CA ARG G 71 5.88 -10.56 24.87
C ARG G 71 4.52 -10.21 24.32
N ASP G 72 4.43 -9.09 23.59
CA ASP G 72 3.23 -8.74 22.83
C ASP G 72 2.81 -9.89 21.90
N ALA G 73 3.78 -10.49 21.23
CA ALA G 73 3.54 -11.29 20.03
C ALA G 73 3.14 -12.73 20.36
N VAL G 74 2.37 -13.32 19.45
CA VAL G 74 1.86 -14.67 19.63
C VAL G 74 2.98 -15.68 19.38
N THR G 75 3.15 -16.61 20.32
CA THR G 75 4.20 -17.63 20.19
C THR G 75 3.56 -18.99 19.97
N ASN G 76 4.29 -19.93 19.37
CA ASN G 76 3.81 -21.29 19.19
C ASN G 76 3.57 -21.97 20.54
N PHE G 77 4.41 -21.70 21.53
CA PHE G 77 4.40 -22.50 22.74
C PHE G 77 4.47 -21.70 24.04
N LYS G 78 4.63 -20.38 23.98
CA LYS G 78 4.82 -19.56 25.15
C LYS G 78 3.59 -18.69 25.41
N SER G 79 3.27 -18.51 26.69
CA SER G 79 2.09 -17.76 27.07
C SER G 79 2.22 -16.28 26.71
N GLN G 80 1.12 -15.65 26.30
CA GLN G 80 1.19 -14.23 25.87
C GLN G 80 1.40 -13.35 27.10
N VAL G 81 1.04 -13.85 28.28
CA VAL G 81 1.11 -13.00 29.52
C VAL G 81 2.11 -13.54 30.54
N ASP G 82 2.70 -14.69 30.29
CA ASP G 82 3.59 -15.28 31.32
C ASP G 82 4.98 -15.46 30.73
N GLY G 83 6.02 -15.01 31.44
CA GLY G 83 7.36 -15.08 30.85
C GLY G 83 8.42 -15.40 31.87
N ASN G 84 9.57 -15.92 31.43
CA ASN G 84 10.68 -16.15 32.38
C ASN G 84 11.50 -14.87 32.45
N ASP G 85 11.56 -14.25 33.62
CA ASP G 85 12.30 -13.00 33.80
C ASP G 85 13.73 -13.12 33.28
N ALA G 86 14.43 -14.19 33.67
CA ALA G 86 15.84 -14.32 33.33
C ALA G 86 16.05 -14.52 31.83
N GLU G 87 15.16 -15.27 31.18
CA GLU G 87 15.29 -15.46 29.74
C GLU G 87 15.04 -14.16 28.98
N SER G 88 14.05 -13.38 29.43
CA SER G 88 13.83 -12.06 28.84
C SER G 88 15.05 -11.17 29.04
N ALA G 89 15.67 -11.21 30.22
CA ALA G 89 16.87 -10.43 30.45
C ALA G 89 18.01 -10.87 29.53
N PHE G 90 18.17 -12.18 29.35
CA PHE G 90 19.19 -12.69 28.45
C PHE G 90 18.97 -12.22 27.02
N LEU G 91 17.72 -12.26 26.56
CA LEU G 91 17.42 -11.76 25.22
C LEU G 91 17.67 -10.26 25.12
N ASP G 92 17.29 -9.51 26.14
CA ASP G 92 17.45 -8.06 26.10
C ASP G 92 18.91 -7.64 26.12
N ALA G 93 19.78 -8.45 26.73
CA ALA G 93 21.19 -8.08 26.79
C ALA G 93 21.85 -8.22 25.43
N HIS G 94 21.46 -9.21 24.65
CA HIS G 94 22.08 -9.48 23.35
C HIS G 94 21.31 -8.79 22.23
N SER G 95 22.01 -8.57 21.13
CA SER G 95 21.40 -7.92 19.96
C SER G 95 20.66 -8.94 19.11
N LYS G 96 19.80 -8.43 18.23
CA LYS G 96 18.96 -9.29 17.40
C LYS G 96 19.80 -10.26 16.57
N ALA G 97 20.84 -9.73 15.90
CA ALA G 97 21.68 -10.57 15.05
C ALA G 97 22.41 -11.65 15.85
N GLU G 98 22.81 -11.33 17.08
CA GLU G 98 23.48 -12.33 17.92
C GLU G 98 22.52 -13.47 18.27
N ILE G 99 21.28 -13.14 18.63
CA ILE G 99 20.29 -14.17 18.93
C ILE G 99 20.01 -15.01 17.69
N VAL G 100 19.92 -14.37 16.53
CA VAL G 100 19.70 -15.11 15.28
C VAL G 100 20.85 -16.08 15.02
N ASP G 101 22.09 -15.62 15.22
CA ASP G 101 23.24 -16.50 15.03
C ASP G 101 23.21 -17.67 16.00
N MET G 102 22.83 -17.41 17.26
CA MET G 102 22.70 -18.50 18.22
C MET G 102 21.68 -19.53 17.76
N LEU G 103 20.50 -19.07 17.32
CA LEU G 103 19.45 -20.00 16.89
C LEU G 103 19.87 -20.76 15.65
N ARG G 104 20.60 -20.11 14.74
CA ARG G 104 21.04 -20.78 13.51
C ARG G 104 22.05 -21.87 13.82
N LYS G 105 22.91 -21.65 14.81
CA LYS G 105 23.96 -22.60 15.15
C LYS G 105 23.55 -23.54 16.29
N HIS G 106 22.31 -23.45 16.77
CA HIS G 106 21.79 -24.35 17.80
C HIS G 106 22.56 -24.20 19.11
N THR G 107 22.89 -22.95 19.48
CA THR G 107 23.70 -22.68 20.65
C THR G 107 22.97 -21.89 21.73
N TYR G 108 21.69 -21.59 21.54
CA TYR G 108 20.98 -20.68 22.45
C TYR G 108 20.93 -21.26 23.87
N ALA G 109 20.59 -22.54 23.99
CA ALA G 109 20.48 -23.16 25.31
C ALA G 109 21.81 -23.17 26.04
N ASP G 110 22.89 -23.53 25.35
CA ASP G 110 24.21 -23.60 25.99
C ASP G 110 24.63 -22.25 26.56
N GLU G 111 24.49 -21.19 25.76
CA GLU G 111 24.98 -19.88 26.20
C GLU G 111 24.06 -19.25 27.23
N PHE G 112 22.74 -19.50 27.15
CA PHE G 112 21.89 -19.14 28.28
C PHE G 112 22.35 -19.86 29.55
N GLU G 113 22.76 -21.12 29.42
CA GLU G 113 23.16 -21.87 30.61
C GLU G 113 24.40 -21.27 31.24
N GLN G 114 25.38 -20.86 30.43
CA GLN G 114 26.58 -20.29 31.04
C GLN G 114 26.35 -18.85 31.51
N SER G 115 25.37 -18.15 30.96
CA SER G 115 24.93 -16.93 31.63
C SER G 115 24.38 -17.23 33.01
N ARG G 116 23.93 -18.46 33.26
CA ARG G 116 23.41 -18.91 34.55
C ARG G 116 22.26 -18.03 35.02
N LEU J 19 -52.24 19.46 -11.31
CA LEU J 19 -53.70 19.45 -11.17
C LEU J 19 -54.37 20.83 -11.25
N PRO J 20 -53.75 21.91 -10.72
CA PRO J 20 -54.35 23.25 -10.90
C PRO J 20 -54.33 23.71 -12.35
N SER J 21 -54.81 24.91 -12.60
CA SER J 21 -54.77 25.49 -13.94
C SER J 21 -54.57 26.99 -13.83
N SER J 22 -53.93 27.57 -14.84
CA SER J 22 -53.32 28.89 -14.71
C SER J 22 -54.19 29.98 -15.33
N LYS J 23 -54.40 31.05 -14.57
CA LYS J 23 -54.94 32.30 -15.09
C LYS J 23 -54.29 32.70 -16.40
N TYR J 24 -52.96 32.74 -16.42
CA TYR J 24 -52.19 33.37 -17.48
C TYR J 24 -52.14 32.49 -18.73
N LYS J 25 -51.75 33.09 -19.85
CA LYS J 25 -51.67 32.40 -21.12
C LYS J 25 -50.26 31.89 -21.34
N GLY J 26 -50.16 30.65 -21.83
CA GLY J 26 -48.88 30.00 -22.04
C GLY J 26 -48.31 29.33 -20.81
N VAL J 27 -48.98 29.42 -19.67
CA VAL J 27 -48.49 28.87 -18.41
C VAL J 27 -49.23 27.58 -18.13
N VAL J 28 -48.49 26.50 -17.90
CA VAL J 28 -49.09 25.23 -17.50
C VAL J 28 -48.54 24.84 -16.13
N PRO J 29 -49.36 24.29 -15.24
CA PRO J 29 -48.84 23.81 -13.96
C PRO J 29 -47.85 22.68 -14.17
N GLN J 30 -46.95 22.50 -13.21
CA GLN J 30 -45.93 21.48 -13.29
C GLN J 30 -45.67 20.94 -11.89
N PRO J 31 -45.39 19.64 -11.77
CA PRO J 31 -45.39 18.98 -10.46
C PRO J 31 -44.43 19.63 -9.47
N ASN J 32 -44.73 19.42 -8.19
CA ASN J 32 -43.92 19.92 -7.08
C ASN J 32 -43.90 21.45 -7.03
N GLY J 33 -45.06 22.05 -7.25
CA GLY J 33 -45.21 23.49 -7.16
C GLY J 33 -44.37 24.28 -8.15
N ARG J 34 -44.23 23.79 -9.38
CA ARG J 34 -43.48 24.50 -10.40
C ARG J 34 -44.43 24.90 -11.53
N TRP J 35 -43.94 25.77 -12.41
CA TRP J 35 -44.80 26.29 -13.47
C TRP J 35 -44.02 26.39 -14.77
N GLY J 36 -44.55 25.80 -15.84
CA GLY J 36 -43.89 25.83 -17.12
C GLY J 36 -44.50 26.85 -18.06
N ALA J 37 -43.68 27.33 -18.99
CA ALA J 37 -44.12 28.28 -20.01
C ALA J 37 -43.94 27.65 -21.38
N GLN J 38 -44.85 27.99 -22.30
CA GLN J 38 -44.84 27.42 -23.63
C GLN J 38 -45.49 28.38 -24.60
N ILE J 39 -44.91 28.49 -25.78
CA ILE J 39 -45.51 29.24 -26.89
C ILE J 39 -45.61 28.31 -28.09
N TYR J 40 -46.66 28.46 -28.86
CA TYR J 40 -46.90 27.62 -30.03
C TYR J 40 -46.63 28.41 -31.29
N GLU J 41 -45.73 27.89 -32.12
CA GLU J 41 -45.31 28.53 -33.36
C GLU J 41 -45.11 27.46 -34.43
N LYS J 42 -45.56 27.75 -35.64
CA LYS J 42 -45.47 26.82 -36.77
C LYS J 42 -46.10 25.48 -36.41
N HIS J 43 -47.27 25.55 -35.75
CA HIS J 43 -48.05 24.37 -35.35
C HIS J 43 -47.26 23.45 -34.43
N GLN J 44 -46.30 23.99 -33.68
CA GLN J 44 -45.46 23.18 -32.82
C GLN J 44 -45.19 23.89 -31.51
N ARG J 45 -45.13 23.12 -30.43
CA ARG J 45 -44.90 23.67 -29.11
C ARG J 45 -43.43 24.10 -28.96
N VAL J 46 -43.22 25.26 -28.37
CA VAL J 46 -41.89 25.73 -28.01
C VAL J 46 -41.87 25.84 -26.49
N TRP J 47 -41.30 24.84 -25.84
CA TRP J 47 -41.12 24.91 -24.40
C TRP J 47 -40.16 26.05 -24.06
N LEU J 48 -40.61 26.96 -23.20
CA LEU J 48 -39.79 28.09 -22.80
C LEU J 48 -39.07 27.87 -21.48
N GLY J 49 -39.51 26.90 -20.69
CA GLY J 49 -38.84 26.58 -19.44
C GLY J 49 -39.77 26.34 -18.28
N THR J 50 -39.19 26.01 -17.12
CA THR J 50 -39.95 25.86 -15.88
C THR J 50 -39.37 26.80 -14.83
N PHE J 51 -40.26 27.33 -14.00
CA PHE J 51 -39.91 28.41 -13.07
C PHE J 51 -40.65 28.17 -11.76
N ASN J 52 -40.20 28.90 -10.72
CA ASN J 52 -40.70 28.63 -9.38
C ASN J 52 -42.08 29.23 -9.17
N GLU J 53 -42.36 30.38 -9.76
CA GLU J 53 -43.62 31.08 -9.55
C GLU J 53 -44.37 31.26 -10.87
N GLU J 54 -45.69 31.28 -10.78
CA GLU J 54 -46.54 31.52 -11.95
C GLU J 54 -46.17 32.83 -12.63
N GLU J 55 -45.85 33.85 -11.84
CA GLU J 55 -45.45 35.14 -12.39
C GLU J 55 -44.28 35.01 -13.34
N GLU J 56 -43.27 34.23 -12.96
CA GLU J 56 -42.08 34.09 -13.78
C GLU J 56 -42.40 33.38 -15.10
N ALA J 57 -43.24 32.35 -15.04
CA ALA J 57 -43.64 31.67 -16.28
C ALA J 57 -44.42 32.60 -17.20
N ALA J 58 -45.34 33.39 -16.65
CA ALA J 58 -46.11 34.32 -17.47
C ALA J 58 -45.21 35.37 -18.10
N SER J 59 -44.26 35.91 -17.33
CA SER J 59 -43.35 36.92 -17.87
C SER J 59 -42.44 36.32 -18.94
N SER J 60 -42.02 35.06 -18.78
CA SER J 60 -41.24 34.41 -19.81
C SER J 60 -42.05 34.24 -21.09
N TYR J 61 -43.32 33.84 -20.96
CA TYR J 61 -44.20 33.79 -22.11
C TYR J 61 -44.29 35.15 -22.81
N ASP J 62 -44.39 36.22 -22.01
CA ASP J 62 -44.52 37.56 -22.58
C ASP J 62 -43.27 37.95 -23.36
N ILE J 63 -42.09 37.66 -22.80
CA ILE J 63 -40.84 37.94 -23.51
C ILE J 63 -40.79 37.17 -24.83
N ALA J 64 -41.16 35.89 -24.78
CA ALA J 64 -41.15 35.07 -25.99
C ALA J 64 -42.10 35.61 -27.04
N VAL J 65 -43.28 36.08 -26.62
CA VAL J 65 -44.24 36.62 -27.57
C VAL J 65 -43.73 37.93 -28.16
N ARG J 66 -43.12 38.78 -27.34
CA ARG J 66 -42.56 40.02 -27.85
C ARG J 66 -41.46 39.76 -28.87
N ARG J 67 -40.78 38.62 -28.76
CA ARG J 67 -39.77 38.30 -29.78
C ARG J 67 -40.37 37.65 -31.02
N PHE J 68 -41.37 36.77 -30.85
CA PHE J 68 -41.90 35.99 -31.96
C PHE J 68 -42.98 36.71 -32.77
N ARG J 69 -43.88 37.43 -32.09
CA ARG J 69 -45.09 37.98 -32.69
C ARG J 69 -45.15 39.51 -32.61
N GLY J 70 -44.05 40.17 -32.25
CA GLY J 70 -44.00 41.62 -32.31
C GLY J 70 -44.46 42.28 -31.02
N ARG J 71 -44.42 43.62 -31.05
CA ARG J 71 -44.67 44.43 -29.86
C ARG J 71 -46.14 44.83 -29.70
N ASP J 72 -47.04 44.24 -30.47
CA ASP J 72 -48.46 44.55 -30.37
C ASP J 72 -49.31 43.35 -29.99
N ALA J 73 -48.71 42.15 -29.92
CA ALA J 73 -49.45 40.93 -29.66
C ALA J 73 -49.82 40.83 -28.18
N VAL J 74 -50.68 39.85 -27.88
CA VAL J 74 -51.29 39.73 -26.56
C VAL J 74 -50.26 39.21 -25.57
N THR J 75 -50.05 39.94 -24.48
CA THR J 75 -49.17 39.54 -23.39
C THR J 75 -49.99 39.43 -22.10
N ASN J 76 -49.42 38.71 -21.13
CA ASN J 76 -50.08 38.60 -19.84
C ASN J 76 -50.04 39.93 -19.07
N PHE J 77 -48.93 40.66 -19.22
CA PHE J 77 -48.76 41.97 -18.61
C PHE J 77 -48.34 42.95 -19.70
N LYS J 78 -49.02 44.10 -19.76
CA LYS J 78 -48.62 45.17 -20.65
C LYS J 78 -48.48 46.47 -19.88
N SER J 79 -47.44 47.24 -20.21
CA SER J 79 -47.17 48.50 -19.55
C SER J 79 -48.22 49.54 -19.89
N GLN J 80 -48.51 50.41 -18.94
CA GLN J 80 -49.30 51.61 -19.17
C GLN J 80 -48.42 52.85 -19.33
N VAL J 81 -47.14 52.65 -19.67
CA VAL J 81 -46.21 53.75 -19.92
C VAL J 81 -45.71 53.64 -21.35
N ASP J 82 -44.72 52.77 -21.58
CA ASP J 82 -44.18 52.59 -22.92
C ASP J 82 -43.41 51.28 -22.99
N GLY J 83 -42.93 50.97 -24.20
CA GLY J 83 -42.11 49.80 -24.40
C GLY J 83 -40.72 49.94 -23.81
N ASN J 84 -40.08 48.78 -23.59
CA ASN J 84 -38.73 48.74 -22.99
C ASN J 84 -37.73 48.80 -24.13
N ASP J 85 -37.14 49.96 -24.35
CA ASP J 85 -36.25 50.14 -25.52
C ASP J 85 -35.11 49.13 -25.39
N ALA J 86 -34.65 48.87 -24.18
CA ALA J 86 -33.56 47.90 -23.94
C ALA J 86 -34.00 46.47 -24.23
N GLU J 87 -35.23 46.12 -23.89
CA GLU J 87 -35.65 44.72 -24.10
C GLU J 87 -35.77 44.48 -25.60
N SER J 88 -36.32 45.44 -26.32
CA SER J 88 -36.55 45.20 -27.75
C SER J 88 -35.24 45.22 -28.53
N ALA J 89 -34.28 46.04 -28.07
CA ALA J 89 -32.93 45.94 -28.61
C ALA J 89 -32.34 44.56 -28.36
N PHE J 90 -32.43 44.09 -27.12
CA PHE J 90 -31.91 42.77 -26.76
C PHE J 90 -32.57 41.67 -27.57
N LEU J 91 -33.89 41.76 -27.76
CA LEU J 91 -34.61 40.72 -28.50
C LEU J 91 -34.34 40.81 -29.99
N ASP J 92 -34.14 42.01 -30.53
CA ASP J 92 -33.80 42.17 -31.93
C ASP J 92 -32.39 41.67 -32.22
N ALA J 93 -31.48 41.76 -31.24
CA ALA J 93 -30.08 41.43 -31.50
C ALA J 93 -29.81 39.93 -31.52
N HIS J 94 -30.59 39.16 -30.79
CA HIS J 94 -30.48 37.70 -30.78
C HIS J 94 -31.66 37.10 -31.55
N SER J 95 -31.53 35.82 -31.88
CA SER J 95 -32.57 35.15 -32.64
C SER J 95 -33.46 34.33 -31.71
N LYS J 96 -34.59 33.88 -32.27
CA LYS J 96 -35.64 33.25 -31.47
C LYS J 96 -35.11 32.04 -30.71
N ALA J 97 -34.31 31.21 -31.37
CA ALA J 97 -33.75 30.04 -30.69
C ALA J 97 -32.88 30.45 -29.51
N GLU J 98 -32.06 31.49 -29.68
CA GLU J 98 -31.25 31.98 -28.57
C GLU J 98 -32.13 32.47 -27.42
N ILE J 99 -33.26 33.11 -27.75
CA ILE J 99 -34.14 33.64 -26.72
C ILE J 99 -34.76 32.50 -25.92
N VAL J 100 -35.27 31.47 -26.61
CA VAL J 100 -35.89 30.37 -25.90
C VAL J 100 -34.85 29.58 -25.12
N ASP J 101 -33.61 29.50 -25.62
CA ASP J 101 -32.56 28.80 -24.88
C ASP J 101 -32.22 29.55 -23.60
N MET J 102 -32.08 30.87 -23.70
CA MET J 102 -31.82 31.68 -22.51
C MET J 102 -32.94 31.55 -21.49
N LEU J 103 -34.19 31.59 -21.96
CA LEU J 103 -35.33 31.43 -21.06
C LEU J 103 -35.32 30.05 -20.41
N ARG J 104 -34.99 29.02 -21.17
CA ARG J 104 -35.03 27.65 -20.66
C ARG J 104 -33.93 27.42 -19.62
N LYS J 105 -32.75 28.01 -19.83
CA LYS J 105 -31.63 27.81 -18.92
C LYS J 105 -31.60 28.79 -17.76
N HIS J 106 -32.58 29.71 -17.70
CA HIS J 106 -32.62 30.78 -16.69
C HIS J 106 -31.46 31.74 -16.86
N THR J 107 -31.04 31.98 -18.10
CA THR J 107 -29.97 32.91 -18.42
C THR J 107 -30.49 34.27 -18.87
N TYR J 108 -31.79 34.41 -19.11
CA TYR J 108 -32.32 35.61 -19.75
C TYR J 108 -32.13 36.85 -18.89
N ALA J 109 -32.43 36.74 -17.59
CA ALA J 109 -32.40 37.94 -16.75
C ALA J 109 -31.01 38.55 -16.70
N ASP J 110 -30.01 37.74 -16.36
CA ASP J 110 -28.65 38.26 -16.25
C ASP J 110 -28.12 38.77 -17.58
N GLU J 111 -28.41 38.06 -18.67
CA GLU J 111 -27.90 38.49 -19.98
C GLU J 111 -28.57 39.77 -20.46
N PHE J 112 -29.90 39.84 -20.38
CA PHE J 112 -30.59 41.07 -20.70
C PHE J 112 -30.06 42.22 -19.86
N GLU J 113 -29.83 41.96 -18.57
CA GLU J 113 -29.39 43.04 -17.71
C GLU J 113 -27.98 43.48 -18.09
N GLN J 114 -27.10 42.54 -18.48
CA GLN J 114 -25.79 42.94 -18.99
C GLN J 114 -25.93 43.77 -20.27
N SER J 115 -26.97 43.53 -21.04
CA SER J 115 -27.22 44.38 -22.23
C SER J 115 -27.85 45.70 -21.79
N ARG J 116 -28.46 45.73 -20.61
CA ARG J 116 -29.19 46.96 -20.19
C ARG J 116 -28.20 48.10 -20.01
N ARG J 117 -26.90 47.80 -20.02
CA ARG J 117 -25.90 48.89 -19.93
C ARG J 117 -25.96 49.75 -21.20
N LYS J 118 -26.94 49.47 -22.09
CA LYS J 118 -27.11 50.28 -23.31
C LYS J 118 -27.47 51.69 -22.85
N PHE J 119 -27.68 51.86 -21.54
CA PHE J 119 -27.95 53.20 -20.97
C PHE J 119 -29.11 53.82 -21.75
#